data_2F7M
#
_entry.id   2F7M
#
_cell.length_a   110.889
_cell.length_b   110.889
_cell.length_c   76.996
_cell.angle_alpha   90.00
_cell.angle_beta   90.00
_cell.angle_gamma   90.00
#
_symmetry.space_group_name_H-M   'P 41 21 2'
#
loop_
_entity.id
_entity.type
_entity.pdbx_description
1 polymer 'Farnesyl Diphosphate Synthase'
2 non-polymer 'PHOSPHATE ION'
3 water water
#
_entity_poly.entity_id   1
_entity_poly.type   'polypeptide(L)'
_entity_poly.pdbx_seq_one_letter_code
;GPNSDVYAQEKQDFVQHFSQIVRVLTEDEMGHPEIGDAIARLKEVLEYNAIGGKYNRGLTVVVAFRELVEPRKQDADSLQ
RAWTVGWCVELLQAFFLVADDIMDSSLTRRGQICWYQKPGVGLDAINDANLLEACIYRLLKLYCREQPYYLNLIELFLQS
SYQTEIGQTLDLLTAPQGNVDLVRFTEKRYKSIVKYKTAFYSFYLPIAAAMYMAGIDGEKEHANAKKILLEMGEFFQIQD
DYLDLFGDPSVTGKIGTDIQDNKCSWLVVQCLQRATPEQYQILKENYGQKEAEKVARVKALYEELDLPAVFLQYEEDSYS
HIMALIEQYAAPLPPAVFLGLARKIYKRRK
;
_entity_poly.pdbx_strand_id   F
#
loop_
_chem_comp.id
_chem_comp.type
_chem_comp.name
_chem_comp.formula
PO4 non-polymer 'PHOSPHATE ION' 'O4 P -3'
#
# COMPACT_ATOMS: atom_id res chain seq x y z
N VAL A 6 -13.90 -14.21 -2.64
CA VAL A 6 -13.47 -13.70 -3.96
C VAL A 6 -11.94 -13.72 -4.13
N TYR A 7 -11.23 -13.49 -3.02
CA TYR A 7 -9.77 -13.54 -3.01
C TYR A 7 -9.29 -14.96 -2.75
N ALA A 8 -10.08 -15.72 -2.01
CA ALA A 8 -9.70 -17.06 -1.56
C ALA A 8 -9.12 -17.94 -2.67
N GLN A 9 -9.90 -18.19 -3.72
CA GLN A 9 -9.50 -19.09 -4.80
C GLN A 9 -8.91 -18.35 -5.99
N GLU A 10 -9.10 -17.04 -6.02
CA GLU A 10 -8.59 -16.21 -7.11
C GLU A 10 -7.08 -15.98 -6.98
N LYS A 11 -6.62 -15.91 -5.72
CA LYS A 11 -5.21 -15.68 -5.41
C LYS A 11 -4.32 -16.72 -6.07
N GLN A 12 -4.95 -17.81 -6.49
CA GLN A 12 -4.25 -18.96 -7.05
C GLN A 12 -3.77 -18.65 -8.46
N ASP A 13 -4.71 -18.29 -9.33
CA ASP A 13 -4.39 -17.95 -10.70
C ASP A 13 -3.54 -16.68 -10.80
N PHE A 14 -3.63 -15.85 -9.77
CA PHE A 14 -2.86 -14.61 -9.72
C PHE A 14 -1.38 -14.90 -9.61
N VAL A 15 -0.97 -15.56 -8.53
CA VAL A 15 0.44 -15.90 -8.36
C VAL A 15 0.94 -16.76 -9.52
N GLN A 16 0.03 -17.53 -10.10
CA GLN A 16 0.37 -18.40 -11.22
C GLN A 16 0.80 -17.59 -12.44
N HIS A 17 0.15 -16.44 -12.64
CA HIS A 17 0.40 -15.61 -13.82
C HIS A 17 1.76 -14.92 -13.76
N PHE A 18 2.37 -14.90 -12.57
CA PHE A 18 3.62 -14.21 -12.39
C PHE A 18 4.74 -14.78 -13.27
N SER A 19 4.74 -16.10 -13.46
CA SER A 19 5.78 -16.71 -14.29
C SER A 19 5.74 -16.18 -15.71
N GLN A 20 4.54 -15.95 -16.24
CA GLN A 20 4.41 -15.37 -17.57
C GLN A 20 4.87 -13.91 -17.61
N ILE A 21 4.45 -13.12 -16.61
CA ILE A 21 4.89 -11.73 -16.50
C ILE A 21 6.40 -11.67 -16.58
N VAL A 22 7.08 -12.52 -15.82
CA VAL A 22 8.52 -12.50 -15.80
C VAL A 22 9.08 -12.90 -17.17
N ARG A 23 8.44 -13.87 -17.80
CA ARG A 23 8.88 -14.39 -19.08
C ARG A 23 8.80 -13.26 -20.09
N VAL A 24 7.65 -12.61 -20.15
CA VAL A 24 7.46 -11.52 -21.08
C VAL A 24 8.46 -10.38 -20.83
N LEU A 25 8.71 -10.05 -19.57
CA LEU A 25 9.59 -8.93 -19.25
C LEU A 25 11.06 -9.24 -19.47
N THR A 26 11.39 -10.52 -19.55
CA THR A 26 12.77 -10.90 -19.77
C THR A 26 13.01 -11.58 -21.12
N GLU A 27 11.97 -11.66 -21.94
CA GLU A 27 12.09 -12.35 -23.22
C GLU A 27 12.13 -11.36 -24.37
N ASP A 28 11.27 -10.34 -24.29
CA ASP A 28 11.20 -9.32 -25.34
C ASP A 28 12.41 -8.39 -25.23
N GLU A 29 13.46 -8.90 -24.60
CA GLU A 29 14.71 -8.17 -24.46
C GLU A 29 15.89 -9.05 -24.91
N MET A 30 15.65 -10.36 -24.93
CA MET A 30 16.70 -11.32 -25.31
C MET A 30 17.08 -11.22 -26.79
N GLY A 31 16.28 -10.49 -27.55
CA GLY A 31 16.64 -10.20 -28.93
C GLY A 31 17.90 -9.36 -28.99
N HIS A 32 18.28 -8.82 -27.84
CA HIS A 32 19.55 -8.12 -27.66
C HIS A 32 20.36 -8.87 -26.60
N PRO A 33 21.13 -9.87 -27.01
CA PRO A 33 21.98 -10.65 -26.10
C PRO A 33 23.02 -9.78 -25.41
N GLU A 34 23.23 -8.59 -25.96
CA GLU A 34 24.15 -7.62 -25.38
C GLU A 34 23.73 -7.24 -23.95
N ILE A 35 22.44 -7.02 -23.75
CA ILE A 35 21.91 -6.66 -22.44
C ILE A 35 21.49 -7.89 -21.64
N GLY A 36 21.83 -9.07 -22.15
CA GLY A 36 21.42 -10.31 -21.51
C GLY A 36 21.63 -10.31 -20.00
N ASP A 37 22.83 -9.93 -19.57
CA ASP A 37 23.18 -9.97 -18.14
C ASP A 37 22.34 -9.00 -17.30
N ALA A 38 21.94 -7.88 -17.90
CA ALA A 38 21.08 -6.92 -17.23
C ALA A 38 19.71 -7.54 -17.05
N ILE A 39 19.22 -8.17 -18.12
CA ILE A 39 17.91 -8.79 -18.07
C ILE A 39 17.85 -9.90 -17.03
N ALA A 40 18.96 -10.63 -16.87
CA ALA A 40 19.06 -11.65 -15.84
C ALA A 40 18.96 -11.00 -14.45
N ARG A 41 19.62 -9.86 -14.29
CA ARG A 41 19.55 -9.11 -13.04
C ARG A 41 18.10 -8.67 -12.77
N LEU A 42 17.42 -8.20 -13.82
CA LEU A 42 16.02 -7.81 -13.74
C LEU A 42 15.15 -8.94 -13.22
N LYS A 43 15.39 -10.14 -13.72
CA LYS A 43 14.60 -11.29 -13.32
C LYS A 43 14.77 -11.51 -11.82
N GLU A 44 16.01 -11.46 -11.38
CA GLU A 44 16.30 -11.69 -9.98
C GLU A 44 15.62 -10.63 -9.10
N VAL A 45 15.62 -9.37 -9.56
CA VAL A 45 14.98 -8.28 -8.83
C VAL A 45 13.48 -8.52 -8.74
N LEU A 46 12.91 -9.00 -9.84
CA LEU A 46 11.49 -9.24 -9.94
C LEU A 46 11.05 -10.35 -9.00
N GLU A 47 11.81 -11.43 -9.00
CA GLU A 47 11.39 -12.61 -8.26
C GLU A 47 11.59 -12.42 -6.78
N TYR A 48 12.61 -11.67 -6.42
CA TYR A 48 12.86 -11.43 -5.03
C TYR A 48 11.86 -10.44 -4.41
N ASN A 49 11.43 -9.44 -5.18
CA ASN A 49 10.77 -8.28 -4.59
C ASN A 49 9.27 -8.17 -4.85
N ALA A 50 8.78 -8.79 -5.91
CA ALA A 50 7.37 -8.73 -6.22
C ALA A 50 6.61 -9.94 -5.66
N ILE A 51 7.33 -10.89 -5.08
CA ILE A 51 6.74 -12.10 -4.58
C ILE A 51 6.91 -12.17 -3.08
N GLY A 52 5.93 -12.74 -2.39
CA GLY A 52 6.08 -12.93 -0.96
C GLY A 52 5.19 -12.06 -0.09
N GLY A 53 4.37 -11.22 -0.73
CA GLY A 53 3.40 -10.43 0.00
C GLY A 53 2.07 -11.16 0.03
N LYS A 54 0.98 -10.43 0.27
CA LYS A 54 -0.34 -11.05 0.27
C LYS A 54 -1.11 -10.77 -1.02
N TYR A 55 -0.60 -9.81 -1.81
CA TYR A 55 -1.18 -9.46 -3.11
C TYR A 55 -2.58 -8.88 -3.01
N ASN A 56 -2.91 -8.25 -1.88
CA ASN A 56 -4.25 -7.70 -1.71
C ASN A 56 -4.54 -6.68 -2.79
N ARG A 57 -3.63 -5.74 -2.99
CA ARG A 57 -3.85 -4.70 -3.98
C ARG A 57 -4.03 -5.24 -5.39
N GLY A 58 -3.17 -6.18 -5.77
CA GLY A 58 -3.21 -6.70 -7.12
C GLY A 58 -4.46 -7.52 -7.37
N LEU A 59 -4.84 -8.33 -6.37
CA LEU A 59 -6.01 -9.16 -6.47
C LEU A 59 -7.26 -8.30 -6.50
N THR A 60 -7.19 -7.13 -5.88
CA THR A 60 -8.34 -6.24 -5.87
C THR A 60 -8.64 -5.80 -7.30
N VAL A 61 -7.61 -5.68 -8.13
CA VAL A 61 -7.85 -5.31 -9.52
C VAL A 61 -8.65 -6.42 -10.18
N VAL A 62 -8.29 -7.66 -9.87
CA VAL A 62 -8.92 -8.79 -10.55
C VAL A 62 -10.35 -9.03 -10.07
N VAL A 63 -10.52 -9.09 -8.76
CA VAL A 63 -11.86 -9.23 -8.18
C VAL A 63 -12.76 -8.11 -8.70
N ALA A 64 -12.29 -6.86 -8.64
CA ALA A 64 -13.10 -5.73 -9.07
C ALA A 64 -13.45 -5.84 -10.54
N PHE A 65 -12.51 -6.36 -11.34
CA PHE A 65 -12.74 -6.46 -12.77
C PHE A 65 -13.88 -7.43 -13.07
N ARG A 66 -13.91 -8.54 -12.36
CA ARG A 66 -14.97 -9.52 -12.54
C ARG A 66 -16.33 -8.99 -12.14
N GLU A 67 -16.37 -8.11 -11.15
CA GLU A 67 -17.63 -7.57 -10.67
C GLU A 67 -18.13 -6.40 -11.51
N LEU A 68 -17.25 -5.76 -12.25
CA LEU A 68 -17.64 -4.58 -13.01
C LEU A 68 -17.90 -4.89 -14.49
N VAL A 69 -17.45 -6.06 -14.94
CA VAL A 69 -17.54 -6.43 -16.34
C VAL A 69 -18.50 -7.60 -16.54
N GLU A 70 -19.34 -7.51 -17.57
CA GLU A 70 -20.29 -8.58 -17.90
C GLU A 70 -19.57 -9.86 -18.28
N PRO A 71 -20.08 -11.01 -17.81
CA PRO A 71 -19.38 -12.28 -17.92
C PRO A 71 -19.03 -12.68 -19.35
N ARG A 72 -19.92 -12.34 -20.29
CA ARG A 72 -19.72 -12.69 -21.70
C ARG A 72 -18.64 -11.81 -22.32
N LYS A 73 -18.18 -10.82 -21.58
CA LYS A 73 -17.11 -9.94 -22.07
C LYS A 73 -15.79 -10.26 -21.38
N GLN A 74 -15.82 -11.22 -20.46
CA GLN A 74 -14.62 -11.65 -19.75
C GLN A 74 -13.96 -12.84 -20.44
N ASP A 75 -13.55 -12.64 -21.68
CA ASP A 75 -12.85 -13.69 -22.42
C ASP A 75 -11.43 -13.90 -21.90
N ALA A 76 -10.76 -14.93 -22.41
CA ALA A 76 -9.43 -15.27 -21.93
C ALA A 76 -8.49 -14.08 -21.95
N ASP A 77 -8.59 -13.27 -23.01
CA ASP A 77 -7.72 -12.13 -23.18
C ASP A 77 -8.00 -10.99 -22.18
N SER A 78 -9.27 -10.66 -22.00
CA SER A 78 -9.66 -9.62 -21.04
C SER A 78 -9.14 -9.95 -19.65
N LEU A 79 -9.16 -11.24 -19.33
CA LEU A 79 -8.77 -11.73 -18.01
C LEU A 79 -7.26 -11.68 -17.85
N GLN A 80 -6.53 -12.04 -18.91
CA GLN A 80 -5.08 -12.01 -18.83
C GLN A 80 -4.62 -10.58 -18.60
N ARG A 81 -5.30 -9.65 -19.25
CA ARG A 81 -5.00 -8.23 -19.08
C ARG A 81 -5.27 -7.79 -17.63
N ALA A 82 -6.38 -8.25 -17.04
CA ALA A 82 -6.70 -7.89 -15.67
C ALA A 82 -5.63 -8.46 -14.73
N TRP A 83 -5.16 -9.67 -15.03
CA TRP A 83 -4.08 -10.30 -14.26
C TRP A 83 -2.80 -9.46 -14.37
N THR A 84 -2.53 -8.96 -15.58
CA THR A 84 -1.33 -8.17 -15.81
C THR A 84 -1.39 -6.81 -15.10
N VAL A 85 -2.54 -6.16 -15.14
CA VAL A 85 -2.70 -4.86 -14.49
C VAL A 85 -2.63 -5.04 -12.97
N GLY A 86 -3.10 -6.19 -12.48
CA GLY A 86 -3.00 -6.51 -11.07
C GLY A 86 -1.55 -6.67 -10.64
N TRP A 87 -0.76 -7.30 -11.50
CA TRP A 87 0.65 -7.40 -11.23
C TRP A 87 1.39 -6.06 -11.37
N CYS A 88 0.90 -5.18 -12.24
CA CYS A 88 1.44 -3.83 -12.32
C CYS A 88 1.31 -3.09 -10.99
N VAL A 89 0.16 -3.22 -10.33
CA VAL A 89 -0.01 -2.60 -9.02
C VAL A 89 0.98 -3.19 -8.05
N GLU A 90 1.16 -4.50 -8.13
CA GLU A 90 2.06 -5.19 -7.22
C GLU A 90 3.52 -4.72 -7.48
N LEU A 91 3.87 -4.48 -8.75
CA LEU A 91 5.19 -3.92 -9.09
C LEU A 91 5.39 -2.46 -8.58
N LEU A 92 4.34 -1.66 -8.65
CA LEU A 92 4.41 -0.33 -8.07
C LEU A 92 4.73 -0.51 -6.59
N GLN A 93 3.98 -1.42 -5.97
CA GLN A 93 4.19 -1.76 -4.58
C GLN A 93 5.66 -2.12 -4.34
N ALA A 94 6.16 -3.07 -5.13
CA ALA A 94 7.55 -3.53 -4.95
C ALA A 94 8.50 -2.36 -5.15
N PHE A 95 8.17 -1.49 -6.09
CA PHE A 95 8.99 -0.31 -6.37
C PHE A 95 9.12 0.53 -5.10
N PHE A 96 8.00 0.83 -4.43
CA PHE A 96 8.04 1.65 -3.21
C PHE A 96 8.79 1.01 -2.05
N LEU A 97 8.60 -0.29 -1.85
CA LEU A 97 9.16 -0.95 -0.68
C LEU A 97 10.67 -1.03 -0.76
N VAL A 98 11.18 -1.36 -1.93
CA VAL A 98 12.62 -1.52 -2.07
C VAL A 98 13.28 -0.19 -1.76
N ALA A 99 12.74 0.86 -2.36
CA ALA A 99 13.27 2.18 -2.15
C ALA A 99 13.07 2.65 -0.69
N ASP A 100 11.88 2.42 -0.13
CA ASP A 100 11.56 2.82 1.26
C ASP A 100 12.42 2.14 2.32
N ASP A 101 12.75 0.86 2.08
CA ASP A 101 13.59 0.13 3.01
C ASP A 101 15.01 0.67 3.03
N ILE A 102 15.46 1.22 1.91
CA ILE A 102 16.78 1.85 1.85
C ILE A 102 16.71 3.13 2.65
N MET A 103 15.72 3.96 2.35
CA MET A 103 15.61 5.24 3.05
C MET A 103 15.42 5.12 4.57
N ASP A 104 14.66 4.12 5.02
CA ASP A 104 14.43 3.92 6.45
C ASP A 104 15.51 3.07 7.12
N SER A 105 16.49 2.60 6.34
CA SER A 105 17.49 1.67 6.84
C SER A 105 16.88 0.45 7.53
N SER A 106 15.83 -0.11 6.94
CA SER A 106 15.25 -1.36 7.46
C SER A 106 16.19 -2.53 7.25
N LEU A 107 15.97 -3.59 8.03
CA LEU A 107 16.80 -4.79 7.93
C LEU A 107 16.03 -5.88 7.23
N THR A 108 14.75 -5.96 7.54
CA THR A 108 13.93 -7.02 6.99
C THR A 108 12.58 -6.51 6.48
N ARG A 109 11.94 -7.34 5.68
CA ARG A 109 10.68 -7.00 5.06
C ARG A 109 10.02 -8.34 4.73
N ARG A 110 8.76 -8.48 5.09
CA ARG A 110 8.04 -9.72 4.83
C ARG A 110 8.84 -10.86 5.46
N GLY A 111 9.55 -10.55 6.54
CA GLY A 111 10.31 -11.56 7.26
C GLY A 111 11.73 -11.81 6.80
N GLN A 112 12.02 -11.57 5.52
CA GLN A 112 13.36 -11.83 4.99
C GLN A 112 14.22 -10.57 4.84
N ILE A 113 15.47 -10.76 4.45
CA ILE A 113 16.42 -9.66 4.37
C ILE A 113 15.97 -8.72 3.25
N CYS A 114 15.95 -7.41 3.53
CA CYS A 114 15.67 -6.42 2.49
C CYS A 114 16.65 -6.55 1.34
N TRP A 115 16.12 -6.47 0.13
CA TRP A 115 16.93 -6.56 -1.08
C TRP A 115 18.25 -5.78 -0.98
N TYR A 116 18.21 -4.53 -0.54
CA TYR A 116 19.42 -3.72 -0.56
C TYR A 116 20.44 -4.19 0.47
N GLN A 117 19.99 -5.01 1.42
CA GLN A 117 20.86 -5.53 2.47
C GLN A 117 21.54 -6.82 2.04
N LYS A 118 21.13 -7.40 0.91
CA LYS A 118 21.80 -8.62 0.42
C LYS A 118 23.20 -8.29 -0.05
N PRO A 119 24.14 -9.25 0.10
CA PRO A 119 25.53 -9.02 -0.29
C PRO A 119 25.67 -8.71 -1.76
N GLY A 120 26.45 -7.68 -2.09
CA GLY A 120 26.61 -7.30 -3.48
C GLY A 120 25.42 -6.58 -4.12
N VAL A 121 24.44 -6.13 -3.32
CA VAL A 121 23.38 -5.29 -3.87
C VAL A 121 23.59 -3.86 -3.36
N GLY A 122 23.31 -3.63 -2.08
CA GLY A 122 23.55 -2.32 -1.52
C GLY A 122 22.77 -1.24 -2.26
N LEU A 123 23.36 -0.04 -2.35
CA LEU A 123 22.72 1.09 -2.99
C LEU A 123 22.37 0.90 -4.48
N ASP A 124 22.95 -0.12 -5.11
CA ASP A 124 22.50 -0.50 -6.45
C ASP A 124 21.00 -0.77 -6.48
N ALA A 125 20.44 -1.14 -5.33
CA ALA A 125 19.00 -1.35 -5.19
C ALA A 125 18.20 -0.11 -5.66
N ILE A 126 18.84 1.05 -5.71
CA ILE A 126 18.13 2.24 -6.16
C ILE A 126 17.75 2.13 -7.63
N ASN A 127 18.68 1.65 -8.45
CA ASN A 127 18.39 1.40 -9.85
C ASN A 127 17.40 0.25 -10.01
N ASP A 128 17.56 -0.78 -9.18
CA ASP A 128 16.65 -1.93 -9.17
C ASP A 128 15.21 -1.50 -8.93
N ALA A 129 15.01 -0.63 -7.94
CA ALA A 129 13.68 -0.11 -7.65
C ALA A 129 13.14 0.58 -8.90
N ASN A 130 13.95 1.42 -9.54
CA ASN A 130 13.48 2.12 -10.74
C ASN A 130 13.14 1.19 -11.91
N LEU A 131 13.90 0.11 -12.09
CA LEU A 131 13.52 -0.91 -13.06
C LEU A 131 12.14 -1.48 -12.74
N LEU A 132 11.85 -1.75 -11.46
CA LEU A 132 10.55 -2.29 -11.12
C LEU A 132 9.45 -1.34 -11.55
N GLU A 133 9.74 -0.04 -11.43
CA GLU A 133 8.74 0.96 -11.83
C GLU A 133 8.61 0.96 -13.34
N ALA A 134 9.74 0.76 -14.02
CA ALA A 134 9.74 0.75 -15.48
C ALA A 134 8.92 -0.41 -16.02
N CYS A 135 8.98 -1.54 -15.33
CA CYS A 135 8.33 -2.74 -15.83
C CYS A 135 6.83 -2.56 -15.93
N ILE A 136 6.26 -1.74 -15.05
CA ILE A 136 4.83 -1.46 -15.08
C ILE A 136 4.38 -1.00 -16.46
N TYR A 137 5.08 0.00 -16.99
CA TYR A 137 4.70 0.59 -18.25
C TYR A 137 5.06 -0.31 -19.41
N ARG A 138 6.11 -1.11 -19.26
CA ARG A 138 6.38 -2.14 -20.25
C ARG A 138 5.20 -3.14 -20.31
N LEU A 139 4.74 -3.63 -19.16
CA LEU A 139 3.55 -4.49 -19.15
C LEU A 139 2.33 -3.85 -19.77
N LEU A 140 2.05 -2.60 -19.40
CA LEU A 140 0.87 -1.91 -19.96
C LEU A 140 0.96 -1.82 -21.48
N LYS A 141 2.15 -1.54 -21.99
CA LYS A 141 2.31 -1.43 -23.43
C LYS A 141 2.11 -2.78 -24.09
N LEU A 142 2.68 -3.81 -23.46
CA LEU A 142 2.69 -5.16 -23.99
C LEU A 142 1.32 -5.81 -24.04
N TYR A 143 0.44 -5.42 -23.13
CA TYR A 143 -0.86 -6.06 -23.00
C TYR A 143 -2.04 -5.15 -23.31
N CYS A 144 -1.86 -3.83 -23.21
CA CYS A 144 -3.01 -2.94 -23.33
C CYS A 144 -2.83 -1.84 -24.38
N ARG A 145 -1.74 -1.93 -25.13
CA ARG A 145 -1.40 -0.92 -26.11
C ARG A 145 -2.60 -0.52 -26.98
N GLU A 146 -3.43 -1.49 -27.34
CA GLU A 146 -4.53 -1.26 -28.28
C GLU A 146 -5.87 -1.00 -27.63
N GLN A 147 -5.94 -1.13 -26.32
CA GLN A 147 -7.19 -0.94 -25.60
C GLN A 147 -7.55 0.53 -25.48
N PRO A 148 -8.85 0.87 -25.46
CA PRO A 148 -9.32 2.25 -25.28
C PRO A 148 -8.95 2.89 -23.93
N TYR A 149 -8.59 2.09 -22.94
CA TYR A 149 -8.28 2.64 -21.64
C TYR A 149 -6.77 2.77 -21.39
N TYR A 150 -5.99 2.60 -22.46
CA TYR A 150 -4.54 2.50 -22.38
C TYR A 150 -3.92 3.72 -21.70
N LEU A 151 -4.14 4.89 -22.29
CA LEU A 151 -3.62 6.12 -21.77
C LEU A 151 -4.17 6.40 -20.37
N ASN A 152 -5.41 5.99 -20.13
CA ASN A 152 -6.01 6.16 -18.80
C ASN A 152 -5.24 5.42 -17.72
N LEU A 153 -4.80 4.20 -18.00
CA LEU A 153 -4.07 3.42 -17.02
C LEU A 153 -2.66 3.96 -16.79
N ILE A 154 -2.00 4.37 -17.87
CA ILE A 154 -0.68 4.97 -17.77
C ILE A 154 -0.75 6.18 -16.84
N GLU A 155 -1.68 7.09 -17.13
CA GLU A 155 -1.82 8.30 -16.33
C GLU A 155 -2.18 7.97 -14.89
N LEU A 156 -2.96 6.92 -14.69
CA LEU A 156 -3.37 6.51 -13.36
C LEU A 156 -2.19 6.04 -12.53
N PHE A 157 -1.37 5.18 -13.12
CA PHE A 157 -0.15 4.71 -12.48
C PHE A 157 0.87 5.82 -12.21
N LEU A 158 1.03 6.74 -13.16
CA LEU A 158 1.92 7.90 -12.99
C LEU A 158 1.38 8.76 -11.84
N GLN A 159 0.08 9.10 -11.87
CA GLN A 159 -0.48 9.90 -10.78
C GLN A 159 -0.34 9.22 -9.41
N SER A 160 -0.52 7.90 -9.35
CA SER A 160 -0.41 7.15 -8.09
C SER A 160 1.01 7.16 -7.54
N SER A 161 2.00 7.11 -8.44
CA SER A 161 3.40 7.23 -8.05
C SER A 161 3.70 8.61 -7.50
N TYR A 162 3.25 9.64 -8.20
CA TYR A 162 3.52 11.01 -7.80
C TYR A 162 2.89 11.30 -6.42
N GLN A 163 1.65 10.86 -6.24
CA GLN A 163 0.97 11.07 -4.96
C GLN A 163 1.59 10.31 -3.81
N THR A 164 2.04 9.09 -4.09
CA THR A 164 2.74 8.31 -3.10
C THR A 164 4.04 9.02 -2.74
N GLU A 165 4.72 9.58 -3.74
CA GLU A 165 6.02 10.21 -3.50
C GLU A 165 5.90 11.54 -2.73
N ILE A 166 4.88 12.30 -3.05
CA ILE A 166 4.49 13.46 -2.25
C ILE A 166 4.23 13.04 -0.83
N GLY A 167 3.40 12.02 -0.65
CA GLY A 167 3.15 11.54 0.69
C GLY A 167 4.41 11.12 1.43
N GLN A 168 5.34 10.49 0.72
CA GLN A 168 6.56 10.03 1.36
C GLN A 168 7.40 11.24 1.78
N THR A 169 7.40 12.27 0.96
CA THR A 169 8.12 13.50 1.27
C THR A 169 7.51 14.08 2.55
N LEU A 170 6.18 14.11 2.60
CA LEU A 170 5.50 14.67 3.75
C LEU A 170 5.92 13.86 4.97
N ASP A 171 5.83 12.54 4.87
CA ASP A 171 6.21 11.69 5.97
C ASP A 171 7.66 11.93 6.39
N LEU A 172 8.55 12.08 5.42
CA LEU A 172 9.96 12.32 5.72
C LEU A 172 10.21 13.65 6.43
N LEU A 173 9.51 14.70 6.00
CA LEU A 173 9.61 15.99 6.64
C LEU A 173 9.06 15.93 8.07
N THR A 174 8.12 15.01 8.29
CA THR A 174 7.36 15.01 9.53
C THR A 174 8.06 14.29 10.67
N ALA A 175 8.70 13.18 10.36
CA ALA A 175 9.49 12.45 11.37
C ALA A 175 10.94 12.36 10.94
N PRO A 176 11.64 13.50 10.86
CA PRO A 176 13.06 13.44 10.52
C PRO A 176 13.82 12.54 11.49
N GLN A 177 14.47 11.50 10.97
CA GLN A 177 15.25 10.59 11.82
C GLN A 177 16.37 11.39 12.48
N GLY A 178 16.20 11.71 13.76
CA GLY A 178 17.19 12.49 14.48
C GLY A 178 16.66 13.86 14.88
N ASN A 179 15.40 14.09 14.57
CA ASN A 179 14.73 15.33 14.95
C ASN A 179 13.42 14.96 15.66
N VAL A 180 13.54 14.30 16.80
CA VAL A 180 12.38 13.99 17.63
C VAL A 180 11.61 15.27 17.97
N ASP A 181 10.46 15.45 17.31
CA ASP A 181 9.61 16.60 17.58
C ASP A 181 8.14 16.19 17.41
N LEU A 182 7.53 15.82 18.52
CA LEU A 182 6.15 15.34 18.50
C LEU A 182 5.22 16.48 18.15
N VAL A 183 5.77 17.69 18.08
CA VAL A 183 4.96 18.85 17.76
C VAL A 183 4.29 18.77 16.40
N ARG A 184 5.04 18.36 15.38
CA ARG A 184 4.46 18.27 14.04
C ARG A 184 3.57 17.05 13.84
N PHE A 185 3.50 16.19 14.86
CA PHE A 185 2.67 14.99 14.82
C PHE A 185 1.22 15.33 15.12
N THR A 186 0.58 16.12 14.25
CA THR A 186 -0.80 16.53 14.45
C THR A 186 -1.75 15.67 13.62
N GLU A 187 -3.04 15.77 13.90
CA GLU A 187 -4.04 14.98 13.20
C GLU A 187 -4.13 15.32 11.73
N LYS A 188 -4.05 16.61 11.40
CA LYS A 188 -4.14 17.02 10.01
C LYS A 188 -2.94 16.51 9.20
N ARG A 189 -1.78 16.41 9.84
CA ARG A 189 -0.57 15.98 9.15
C ARG A 189 -0.65 14.48 8.97
N TYR A 190 -1.19 13.81 9.98
CA TYR A 190 -1.35 12.36 9.95
C TYR A 190 -2.27 11.93 8.81
N LYS A 191 -3.44 12.55 8.72
CA LYS A 191 -4.42 12.21 7.70
C LYS A 191 -3.93 12.59 6.30
N SER A 192 -3.15 13.65 6.21
CA SER A 192 -2.58 14.05 4.94
C SER A 192 -1.53 13.02 4.47
N ILE A 193 -0.67 12.57 5.39
CA ILE A 193 0.35 11.58 5.08
C ILE A 193 -0.27 10.25 4.63
N VAL A 194 -1.24 9.78 5.39
CA VAL A 194 -1.94 8.54 5.08
C VAL A 194 -2.57 8.63 3.69
N LYS A 195 -3.28 9.72 3.44
CA LYS A 195 -3.97 9.86 2.17
C LYS A 195 -3.04 9.77 0.96
N TYR A 196 -1.93 10.49 1.00
CA TYR A 196 -1.04 10.57 -0.16
C TYR A 196 -0.10 9.37 -0.24
N LYS A 197 0.53 9.05 0.89
CA LYS A 197 1.52 7.99 0.92
C LYS A 197 0.96 6.58 0.77
N THR A 198 -0.26 6.37 1.27
CA THR A 198 -0.80 5.03 1.36
C THR A 198 -2.16 4.77 0.72
N ALA A 199 -3.12 5.64 1.02
CA ALA A 199 -4.50 5.39 0.64
C ALA A 199 -4.74 5.47 -0.86
N PHE A 200 -4.08 6.41 -1.54
CA PHE A 200 -4.37 6.56 -2.95
C PHE A 200 -3.94 5.29 -3.71
N TYR A 201 -2.71 4.81 -3.53
CA TYR A 201 -2.24 3.66 -4.35
C TYR A 201 -2.70 2.31 -3.84
N SER A 202 -3.04 2.22 -2.56
CA SER A 202 -3.45 0.94 -1.96
C SER A 202 -4.93 0.64 -2.13
N PHE A 203 -5.76 1.66 -2.31
CA PHE A 203 -7.20 1.46 -2.34
C PHE A 203 -7.91 2.05 -3.54
N TYR A 204 -7.58 3.29 -3.88
CA TYR A 204 -8.14 3.89 -5.07
C TYR A 204 -7.55 3.27 -6.36
N LEU A 205 -6.23 3.19 -6.46
CA LEU A 205 -5.58 2.72 -7.70
C LEU A 205 -6.14 1.39 -8.24
N PRO A 206 -6.17 0.32 -7.43
CA PRO A 206 -6.68 -0.97 -7.90
C PRO A 206 -8.11 -0.93 -8.44
N ILE A 207 -9.02 -0.33 -7.68
CA ILE A 207 -10.41 -0.20 -8.10
C ILE A 207 -10.49 0.68 -9.34
N ALA A 208 -9.78 1.81 -9.29
CA ALA A 208 -9.73 2.74 -10.42
C ALA A 208 -9.27 2.04 -11.69
N ALA A 209 -8.25 1.19 -11.57
CA ALA A 209 -7.73 0.46 -12.73
C ALA A 209 -8.82 -0.42 -13.32
N ALA A 210 -9.49 -1.18 -12.44
CA ALA A 210 -10.56 -2.08 -12.86
C ALA A 210 -11.66 -1.28 -13.53
N MET A 211 -12.03 -0.17 -12.92
CA MET A 211 -13.03 0.69 -13.52
C MET A 211 -12.69 1.02 -14.97
N TYR A 212 -11.50 1.59 -15.21
CA TYR A 212 -11.16 2.00 -16.57
C TYR A 212 -11.19 0.81 -17.52
N MET A 213 -10.76 -0.35 -17.05
CA MET A 213 -10.78 -1.54 -17.88
C MET A 213 -12.23 -1.98 -18.16
N ALA A 214 -13.15 -1.50 -17.33
CA ALA A 214 -14.57 -1.79 -17.51
C ALA A 214 -15.21 -0.71 -18.39
N GLY A 215 -14.41 0.24 -18.84
CA GLY A 215 -14.95 1.32 -19.63
C GLY A 215 -15.63 2.37 -18.78
N ILE A 216 -15.54 2.25 -17.46
CA ILE A 216 -16.03 3.29 -16.57
C ILE A 216 -14.95 4.34 -16.36
N ASP A 217 -14.93 5.36 -17.20
CA ASP A 217 -13.91 6.39 -17.14
C ASP A 217 -14.46 7.73 -16.66
N GLY A 218 -15.73 7.73 -16.30
CA GLY A 218 -16.37 8.96 -15.87
C GLY A 218 -15.67 9.63 -14.72
N GLU A 219 -15.38 10.92 -14.89
CA GLU A 219 -14.66 11.69 -13.89
C GLU A 219 -15.43 11.74 -12.57
N LYS A 220 -16.74 11.65 -12.67
CA LYS A 220 -17.62 11.77 -11.50
C LYS A 220 -17.65 10.45 -10.74
N GLU A 221 -17.78 9.36 -11.49
CA GLU A 221 -17.79 8.04 -10.91
C GLU A 221 -16.47 7.77 -10.20
N HIS A 222 -15.36 8.19 -10.80
CA HIS A 222 -14.05 8.03 -10.19
C HIS A 222 -13.94 8.88 -8.95
N ALA A 223 -14.44 10.11 -9.02
CA ALA A 223 -14.41 10.96 -7.84
C ALA A 223 -15.26 10.31 -6.74
N ASN A 224 -16.30 9.59 -7.14
CA ASN A 224 -17.16 8.94 -6.16
C ASN A 224 -16.45 7.77 -5.51
N ALA A 225 -15.86 6.90 -6.32
CA ALA A 225 -15.09 5.77 -5.78
C ALA A 225 -13.95 6.29 -4.89
N LYS A 226 -13.27 7.35 -5.34
CA LYS A 226 -12.13 7.87 -4.57
C LYS A 226 -12.55 8.32 -3.16
N LYS A 227 -13.71 8.96 -3.07
CA LYS A 227 -14.24 9.41 -1.78
C LYS A 227 -14.38 8.22 -0.83
N ILE A 228 -14.93 7.12 -1.32
CA ILE A 228 -15.12 5.96 -0.48
C ILE A 228 -13.77 5.34 -0.15
N LEU A 229 -12.96 5.13 -1.18
CA LEU A 229 -11.71 4.38 -1.06
C LEU A 229 -10.65 5.07 -0.19
N LEU A 230 -10.44 6.37 -0.36
CA LEU A 230 -9.49 7.06 0.50
C LEU A 230 -9.87 6.93 1.97
N GLU A 231 -11.16 7.01 2.26
CA GLU A 231 -11.65 6.87 3.63
C GLU A 231 -11.37 5.48 4.16
N MET A 232 -11.59 4.47 3.33
CA MET A 232 -11.24 3.11 3.72
C MET A 232 -9.74 3.02 4.00
N GLY A 233 -8.94 3.70 3.18
CA GLY A 233 -7.50 3.68 3.37
C GLY A 233 -7.07 4.36 4.66
N GLU A 234 -7.74 5.46 5.01
CA GLU A 234 -7.47 6.09 6.29
C GLU A 234 -7.72 5.15 7.46
N PHE A 235 -8.86 4.45 7.47
CA PHE A 235 -9.12 3.51 8.56
C PHE A 235 -8.14 2.32 8.52
N PHE A 236 -7.82 1.84 7.31
CA PHE A 236 -6.84 0.77 7.21
C PHE A 236 -5.54 1.11 7.97
N GLN A 237 -5.00 2.31 7.73
CA GLN A 237 -3.74 2.68 8.35
C GLN A 237 -3.84 2.90 9.85
N ILE A 238 -4.94 3.53 10.28
CA ILE A 238 -5.20 3.77 11.68
C ILE A 238 -5.29 2.46 12.44
N GLN A 239 -5.99 1.49 11.87
CA GLN A 239 -6.08 0.18 12.49
C GLN A 239 -4.71 -0.51 12.50
N ASP A 240 -3.91 -0.23 11.47
CA ASP A 240 -2.58 -0.80 11.36
C ASP A 240 -1.67 -0.26 12.47
N ASP A 241 -1.76 1.04 12.73
CA ASP A 241 -1.00 1.66 13.81
C ASP A 241 -1.41 1.08 15.15
N TYR A 242 -2.72 1.01 15.38
CA TYR A 242 -3.24 0.43 16.59
C TYR A 242 -2.69 -0.98 16.79
N LEU A 243 -2.92 -1.85 15.81
CA LEU A 243 -2.52 -3.24 15.91
C LEU A 243 -1.02 -3.43 16.11
N ASP A 244 -0.23 -2.48 15.61
CA ASP A 244 1.22 -2.60 15.69
C ASP A 244 1.65 -2.75 17.15
N LEU A 245 0.97 -2.03 18.03
CA LEU A 245 1.26 -2.07 19.46
C LEU A 245 0.36 -3.06 20.18
N PHE A 246 -0.93 -2.79 20.17
CA PHE A 246 -1.89 -3.59 20.92
C PHE A 246 -2.39 -4.80 20.14
N GLY A 247 -1.57 -5.32 19.23
CA GLY A 247 -1.96 -6.48 18.46
C GLY A 247 -1.29 -7.76 18.94
N ASP A 248 -1.66 -8.89 18.33
CA ASP A 248 -1.10 -10.18 18.71
C ASP A 248 -0.18 -10.72 17.62
N PRO A 249 1.14 -10.67 17.85
CA PRO A 249 2.14 -10.94 16.83
C PRO A 249 1.96 -12.26 16.08
N SER A 250 1.33 -13.23 16.75
CA SER A 250 1.08 -14.53 16.13
C SER A 250 -0.06 -14.47 15.11
N VAL A 251 -1.12 -13.74 15.44
CA VAL A 251 -2.25 -13.55 14.53
C VAL A 251 -1.85 -12.65 13.36
N THR A 252 -1.37 -11.46 13.67
CA THR A 252 -0.98 -10.48 12.67
C THR A 252 0.15 -11.00 11.79
N GLY A 253 1.14 -11.61 12.43
CA GLY A 253 2.27 -12.16 11.70
C GLY A 253 3.46 -11.21 11.69
N LYS A 254 3.46 -10.23 12.59
CA LYS A 254 4.57 -9.29 12.69
C LYS A 254 4.66 -8.62 14.07
N ILE A 255 5.87 -8.21 14.45
CA ILE A 255 6.07 -7.57 15.74
C ILE A 255 6.21 -6.06 15.61
N GLY A 256 5.52 -5.34 16.49
CA GLY A 256 5.47 -3.89 16.39
C GLY A 256 6.76 -3.19 16.72
N THR A 257 6.97 -2.02 16.11
CA THR A 257 8.19 -1.25 16.31
C THR A 257 7.99 0.25 16.12
N ASP A 258 6.74 0.66 15.94
CA ASP A 258 6.42 2.08 15.72
C ASP A 258 7.02 3.00 16.79
N ILE A 259 7.09 2.50 18.02
CA ILE A 259 7.58 3.30 19.14
C ILE A 259 9.11 3.39 19.13
N GLN A 260 9.75 2.30 18.72
CA GLN A 260 11.20 2.28 18.58
C GLN A 260 11.63 2.97 17.29
N ASP A 261 10.67 3.43 16.50
CA ASP A 261 10.99 4.03 15.20
C ASP A 261 10.54 5.49 15.13
N ASN A 262 9.96 5.99 16.22
CA ASN A 262 9.55 7.38 16.30
C ASN A 262 8.54 7.72 15.20
N LYS A 263 7.71 6.76 14.83
CA LYS A 263 6.74 6.97 13.75
C LYS A 263 5.67 8.00 14.16
N CYS A 264 5.14 8.70 13.17
CA CYS A 264 3.96 9.53 13.41
C CYS A 264 2.73 8.62 13.38
N SER A 265 2.62 7.77 14.39
CA SER A 265 1.53 6.81 14.52
C SER A 265 0.22 7.50 14.87
N TRP A 266 -0.89 6.80 14.67
CA TRP A 266 -2.19 7.34 15.04
C TRP A 266 -2.26 7.40 16.57
N LEU A 267 -1.72 6.38 17.22
CA LEU A 267 -1.69 6.32 18.67
C LEU A 267 -1.03 7.57 19.26
N VAL A 268 0.21 7.83 18.83
CA VAL A 268 0.94 8.97 19.38
C VAL A 268 0.25 10.29 19.06
N VAL A 269 -0.49 10.32 17.95
CA VAL A 269 -1.21 11.53 17.58
C VAL A 269 -2.37 11.81 18.53
N GLN A 270 -3.06 10.74 18.92
CA GLN A 270 -4.17 10.85 19.85
C GLN A 270 -3.63 11.10 21.26
N CYS A 271 -2.60 10.34 21.62
CA CYS A 271 -1.94 10.50 22.91
C CYS A 271 -1.47 11.93 23.11
N LEU A 272 -1.11 12.60 22.03
CA LEU A 272 -0.66 13.99 22.12
C LEU A 272 -1.80 14.97 22.35
N GLN A 273 -3.00 14.62 21.88
CA GLN A 273 -4.15 15.48 22.11
C GLN A 273 -4.80 15.14 23.45
N ARG A 274 -4.45 13.97 23.99
CA ARG A 274 -4.98 13.50 25.27
C ARG A 274 -3.87 13.32 26.29
N ALA A 275 -3.22 14.42 26.67
CA ALA A 275 -2.07 14.32 27.56
C ALA A 275 -1.79 15.58 28.34
N THR A 276 -1.61 15.43 29.65
CA THR A 276 -1.24 16.54 30.51
C THR A 276 0.25 16.81 30.31
N PRO A 277 0.71 18.00 30.69
CA PRO A 277 2.12 18.38 30.47
C PRO A 277 3.12 17.34 31.01
N GLU A 278 2.72 16.63 32.07
CA GLU A 278 3.55 15.56 32.62
C GLU A 278 3.42 14.28 31.80
N GLN A 279 2.25 14.08 31.19
CA GLN A 279 2.02 12.93 30.32
C GLN A 279 2.92 13.05 29.10
N TYR A 280 3.05 14.27 28.59
CA TYR A 280 3.88 14.55 27.43
C TYR A 280 5.36 14.43 27.74
N GLN A 281 5.75 14.94 28.90
CA GLN A 281 7.14 14.88 29.33
C GLN A 281 7.65 13.45 29.20
N ILE A 282 6.82 12.48 29.57
CA ILE A 282 7.21 11.07 29.53
C ILE A 282 7.35 10.59 28.09
N LEU A 283 6.40 11.01 27.26
CA LEU A 283 6.38 10.60 25.85
C LEU A 283 7.59 11.20 25.15
N LYS A 284 7.89 12.45 25.48
CA LYS A 284 8.97 13.18 24.84
C LYS A 284 10.33 12.61 25.25
N GLU A 285 10.32 11.61 26.12
CA GLU A 285 11.56 11.04 26.63
C GLU A 285 11.67 9.52 26.42
N ASN A 286 10.55 8.89 26.05
CA ASN A 286 10.56 7.44 25.84
C ASN A 286 10.23 7.05 24.41
N TYR A 287 9.77 8.01 23.61
CA TYR A 287 9.34 7.73 22.26
C TYR A 287 10.46 7.86 21.24
N GLY A 288 10.87 6.74 20.65
CA GLY A 288 11.96 6.75 19.69
C GLY A 288 13.18 6.03 20.24
N GLN A 289 13.11 5.64 21.51
CA GLN A 289 14.20 4.92 22.14
C GLN A 289 14.27 3.48 21.64
N LYS A 290 15.26 2.73 22.13
CA LYS A 290 15.44 1.35 21.73
C LYS A 290 15.14 0.40 22.89
N GLU A 291 15.41 0.87 24.10
CA GLU A 291 15.26 0.03 25.29
C GLU A 291 13.83 -0.46 25.46
N ALA A 292 13.67 -1.74 25.76
CA ALA A 292 12.35 -2.33 25.93
C ALA A 292 11.70 -1.78 27.18
N GLU A 293 12.52 -1.24 28.08
CA GLU A 293 12.04 -0.69 29.34
C GLU A 293 11.33 0.65 29.11
N LYS A 294 11.86 1.42 28.15
CA LYS A 294 11.33 2.76 27.87
C LYS A 294 10.15 2.67 26.90
N VAL A 295 10.26 1.79 25.92
CA VAL A 295 9.18 1.55 24.97
C VAL A 295 7.92 1.11 25.71
N ALA A 296 8.06 0.10 26.56
CA ALA A 296 6.94 -0.44 27.33
C ALA A 296 6.37 0.66 28.23
N ARG A 297 7.16 1.69 28.45
CA ARG A 297 6.74 2.80 29.28
C ARG A 297 5.73 3.65 28.53
N VAL A 298 5.88 3.73 27.21
CA VAL A 298 4.97 4.49 26.37
C VAL A 298 3.65 3.76 26.25
N LYS A 299 3.72 2.45 26.01
CA LYS A 299 2.53 1.63 25.88
C LYS A 299 1.63 1.83 27.09
N ALA A 300 2.24 1.94 28.26
CA ALA A 300 1.51 2.13 29.50
C ALA A 300 0.79 3.48 29.50
N LEU A 301 1.45 4.50 28.97
CA LEU A 301 0.87 5.84 28.92
C LEU A 301 -0.32 5.90 27.96
N TYR A 302 -0.22 5.18 26.85
CA TYR A 302 -1.33 5.09 25.91
C TYR A 302 -2.50 4.44 26.63
N GLU A 303 -2.25 3.27 27.20
CA GLU A 303 -3.28 2.52 27.89
C GLU A 303 -3.98 3.39 28.93
N GLU A 304 -3.19 4.05 29.77
CA GLU A 304 -3.74 4.90 30.81
C GLU A 304 -4.66 5.96 30.23
N LEU A 305 -4.39 6.36 28.99
CA LEU A 305 -5.20 7.38 28.34
C LEU A 305 -6.39 6.75 27.60
N ASP A 306 -6.57 5.45 27.80
CA ASP A 306 -7.68 4.73 27.19
C ASP A 306 -7.73 4.87 25.68
N LEU A 307 -6.56 4.90 25.05
CA LEU A 307 -6.51 5.00 23.60
C LEU A 307 -7.06 3.73 22.94
N PRO A 308 -6.77 2.56 23.51
CA PRO A 308 -7.34 1.32 22.95
C PRO A 308 -8.87 1.38 22.89
N ALA A 309 -9.44 2.12 23.84
CA ALA A 309 -10.87 2.33 23.89
C ALA A 309 -11.24 3.33 22.79
N VAL A 310 -10.49 4.43 22.74
CA VAL A 310 -10.71 5.44 21.71
C VAL A 310 -10.67 4.83 20.31
N PHE A 311 -9.77 3.88 20.10
CA PHE A 311 -9.68 3.25 18.80
C PHE A 311 -10.96 2.46 18.50
N LEU A 312 -11.41 1.68 19.46
CA LEU A 312 -12.60 0.86 19.28
C LEU A 312 -13.80 1.75 19.00
N GLN A 313 -13.86 2.87 19.69
CA GLN A 313 -14.89 3.87 19.45
C GLN A 313 -14.73 4.43 18.04
N TYR A 314 -13.50 4.66 17.62
CA TYR A 314 -13.24 5.16 16.28
C TYR A 314 -13.59 4.12 15.23
N GLU A 315 -13.40 2.85 15.55
CA GLU A 315 -13.65 1.80 14.57
C GLU A 315 -15.14 1.67 14.27
N GLU A 316 -15.97 1.87 15.29
CA GLU A 316 -17.42 1.82 15.11
C GLU A 316 -17.90 3.04 14.32
N ASP A 317 -17.45 4.22 14.69
CA ASP A 317 -17.82 5.42 13.93
C ASP A 317 -17.38 5.28 12.48
N SER A 318 -16.16 4.81 12.27
CA SER A 318 -15.60 4.69 10.92
C SER A 318 -16.41 3.74 10.09
N TYR A 319 -16.79 2.62 10.68
CA TYR A 319 -17.56 1.62 9.95
C TYR A 319 -18.93 2.18 9.53
N SER A 320 -19.58 2.92 10.43
CA SER A 320 -20.87 3.53 10.10
C SER A 320 -20.71 4.50 8.94
N HIS A 321 -19.71 5.37 9.04
CA HIS A 321 -19.46 6.39 8.02
C HIS A 321 -19.18 5.75 6.66
N ILE A 322 -18.36 4.70 6.64
CA ILE A 322 -18.04 4.04 5.38
C ILE A 322 -19.29 3.46 4.74
N MET A 323 -20.14 2.82 5.54
CA MET A 323 -21.38 2.26 5.02
C MET A 323 -22.28 3.37 4.47
N ALA A 324 -22.30 4.51 5.16
CA ALA A 324 -23.03 5.65 4.64
C ALA A 324 -22.39 6.11 3.34
N LEU A 325 -21.07 6.20 3.35
CA LEU A 325 -20.33 6.56 2.13
C LEU A 325 -20.66 5.63 0.97
N ILE A 326 -20.75 4.32 1.25
CA ILE A 326 -21.03 3.35 0.20
C ILE A 326 -22.46 3.47 -0.33
N GLU A 327 -23.39 3.70 0.60
CA GLU A 327 -24.79 3.87 0.23
C GLU A 327 -24.97 5.13 -0.62
N GLN A 328 -24.08 6.10 -0.43
CA GLN A 328 -24.22 7.38 -1.11
C GLN A 328 -23.42 7.57 -2.39
N TYR A 329 -22.35 6.80 -2.58
CA TYR A 329 -21.47 7.03 -3.72
C TYR A 329 -21.12 5.79 -4.55
N ALA A 330 -21.60 4.61 -4.14
CA ALA A 330 -21.26 3.38 -4.84
C ALA A 330 -21.78 3.35 -6.27
N ALA A 331 -23.07 3.68 -6.43
CA ALA A 331 -23.74 3.61 -7.73
C ALA A 331 -23.14 4.63 -8.69
N PRO A 332 -23.06 4.28 -9.98
CA PRO A 332 -23.53 3.09 -10.68
C PRO A 332 -22.78 1.78 -10.41
N LEU A 333 -21.79 1.81 -9.54
CA LEU A 333 -21.03 0.60 -9.28
C LEU A 333 -21.77 -0.31 -8.28
N PRO A 334 -21.52 -1.62 -8.37
CA PRO A 334 -22.13 -2.57 -7.43
C PRO A 334 -21.52 -2.34 -6.04
N PRO A 335 -22.38 -2.14 -5.03
CA PRO A 335 -21.81 -1.87 -3.70
C PRO A 335 -20.91 -3.00 -3.23
N ALA A 336 -21.09 -4.18 -3.81
CA ALA A 336 -20.27 -5.34 -3.46
C ALA A 336 -18.78 -5.06 -3.74
N VAL A 337 -18.51 -4.15 -4.68
CA VAL A 337 -17.14 -3.82 -5.04
C VAL A 337 -16.43 -3.23 -3.83
N PHE A 338 -17.13 -2.36 -3.12
CA PHE A 338 -16.61 -1.71 -1.94
C PHE A 338 -16.78 -2.58 -0.69
N LEU A 339 -17.85 -3.35 -0.64
CA LEU A 339 -18.15 -4.16 0.55
C LEU A 339 -17.15 -5.30 0.71
N GLY A 340 -16.70 -5.86 -0.40
CA GLY A 340 -15.63 -6.83 -0.36
C GLY A 340 -14.40 -6.26 0.33
N LEU A 341 -14.00 -5.04 -0.01
CA LEU A 341 -12.83 -4.43 0.64
C LEU A 341 -13.08 -4.15 2.11
N ALA A 342 -14.23 -3.57 2.42
CA ALA A 342 -14.57 -3.23 3.80
C ALA A 342 -14.55 -4.46 4.70
N ARG A 343 -15.03 -5.59 4.19
CA ARG A 343 -15.11 -6.81 4.97
C ARG A 343 -13.71 -7.33 5.29
N LYS A 344 -12.78 -7.04 4.40
CA LYS A 344 -11.40 -7.46 4.58
C LYS A 344 -10.68 -6.63 5.63
N ILE A 345 -10.87 -5.31 5.60
CA ILE A 345 -10.07 -4.47 6.47
C ILE A 345 -10.70 -4.25 7.85
N TYR A 346 -11.94 -4.68 8.03
CA TYR A 346 -12.61 -4.47 9.30
C TYR A 346 -12.70 -5.75 10.13
P PO4 B . 2.51 -6.70 1.27
O1 PO4 B . 1.76 -5.51 1.77
O2 PO4 B . 3.80 -6.82 2.00
O3 PO4 B . 1.69 -7.92 1.48
O4 PO4 B . 2.78 -6.53 -0.18
#